data_2OFB
#
_entry.id   2OFB
#
_cell.length_a   77.904
_cell.length_b   77.904
_cell.length_c   110.326
_cell.angle_alpha   90.00
_cell.angle_beta   90.00
_cell.angle_gamma   90.00
#
_symmetry.space_group_name_H-M   'P 41 21 2'
#
loop_
_entity.id
_entity.type
_entity.pdbx_description
1 polymer 'Avidin-related protein 4/5'
2 non-polymer '5-(2-OXO-HEXAHYDRO-THIENO[3,4-D]IMIDAZOL-6-YL)-PENTANOIC ACID (4-NITRO-PHENYL)-AMIDE'
3 non-polymer 'FORMIC ACID'
4 water water
#
_entity_poly.entity_id   1
_entity_poly.type   'polypeptide(L)'
_entity_poly.pdbx_seq_one_letter_code
;ARKCSLTGKWTNNLGSIMTIRAVNSRGEFTGTYLTAVADNPGNITLSPLLGIQHKRASQPTFGFTVHWNFSESTTVFTGQ
CFIDRNGKEVLKTMWLLRSSVNDISYDWKATLVGYNNFTRLSTVEE
;
_entity_poly.pdbx_strand_id   A,B
#
loop_
_chem_comp.id
_chem_comp.type
_chem_comp.name
_chem_comp.formula
BNI non-polymer '5-(2-OXO-HEXAHYDRO-THIENO[3,4-D]IMIDAZOL-6-YL)-PENTANOIC ACID (4-NITRO-PHENYL)-AMIDE' 'C16 H20 N4 O4 S'
FMT non-polymer 'FORMIC ACID' 'C H2 O2'
#
# COMPACT_ATOMS: atom_id res chain seq x y z
N LYS A 3 -0.11 2.68 -23.51
CA LYS A 3 -0.77 2.42 -22.19
C LYS A 3 0.01 1.41 -21.33
N CYS A 4 -0.25 1.44 -20.02
CA CYS A 4 0.54 0.74 -18.97
C CYS A 4 -0.40 -0.09 -18.07
N SER A 5 -0.45 -1.42 -18.26
CA SER A 5 -1.18 -2.31 -17.36
C SER A 5 -0.14 -3.07 -16.56
N LEU A 6 -0.35 -3.17 -15.26
N LEU A 6 -0.35 -3.18 -15.26
CA LEU A 6 0.63 -3.82 -14.39
CA LEU A 6 0.63 -3.83 -14.40
C LEU A 6 0.63 -5.35 -14.57
C LEU A 6 0.64 -5.35 -14.59
N THR A 7 -0.38 -5.90 -15.25
CA THR A 7 -0.42 -7.34 -15.55
C THR A 7 0.87 -7.84 -16.19
N GLY A 8 1.40 -8.93 -15.66
CA GLY A 8 2.62 -9.55 -16.16
C GLY A 8 3.66 -9.76 -15.07
N LYS A 9 4.85 -10.16 -15.48
CA LYS A 9 5.93 -10.44 -14.55
C LYS A 9 6.98 -9.33 -14.61
N TRP A 10 7.48 -8.96 -13.43
CA TRP A 10 8.43 -7.87 -13.25
C TRP A 10 9.55 -8.28 -12.35
N THR A 11 10.73 -7.73 -12.58
N THR A 11 10.72 -7.71 -12.57
CA THR A 11 11.86 -7.88 -11.66
CA THR A 11 11.84 -7.86 -11.66
C THR A 11 12.31 -6.49 -11.21
C THR A 11 12.30 -6.48 -11.20
N ASN A 12 12.89 -6.40 -10.01
CA ASN A 12 13.39 -5.11 -9.51
C ASN A 12 14.88 -5.11 -9.32
N ASN A 13 15.39 -3.96 -8.89
CA ASN A 13 16.82 -3.73 -8.75
C ASN A 13 17.48 -4.60 -7.68
N LEU A 14 16.69 -5.15 -6.75
CA LEU A 14 17.19 -6.10 -5.76
C LEU A 14 17.14 -7.57 -6.21
N GLY A 15 16.54 -7.81 -7.37
CA GLY A 15 16.37 -9.15 -7.90
C GLY A 15 15.04 -9.80 -7.59
N SER A 16 14.17 -9.11 -6.84
CA SER A 16 12.87 -9.68 -6.53
C SER A 16 12.02 -9.79 -7.78
N ILE A 17 11.07 -10.71 -7.75
CA ILE A 17 10.16 -10.96 -8.89
C ILE A 17 8.74 -10.86 -8.40
N MET A 18 7.89 -10.18 -9.14
CA MET A 18 6.46 -10.23 -8.85
C MET A 18 5.68 -10.49 -10.11
N THR A 19 4.54 -11.09 -9.92
CA THR A 19 3.63 -11.49 -10.99
C THR A 19 2.27 -10.90 -10.68
N ILE A 20 1.76 -10.09 -11.59
CA ILE A 20 0.47 -9.44 -11.40
C ILE A 20 -0.51 -10.04 -12.40
N ARG A 21 -1.68 -10.40 -11.89
CA ARG A 21 -2.73 -10.99 -12.71
C ARG A 21 -3.56 -9.90 -13.38
N ALA A 22 -4.76 -10.24 -13.84
CA ALA A 22 -5.59 -9.32 -14.59
C ALA A 22 -5.96 -8.09 -13.75
N VAL A 23 -5.86 -6.92 -14.36
CA VAL A 23 -6.33 -5.69 -13.74
C VAL A 23 -7.80 -5.53 -14.14
N ASN A 24 -8.67 -5.36 -13.14
CA ASN A 24 -10.12 -5.32 -13.42
C ASN A 24 -10.53 -3.90 -13.79
N SER A 25 -11.82 -3.67 -14.03
CA SER A 25 -12.23 -2.39 -14.58
C SER A 25 -12.14 -1.27 -13.55
N ARG A 26 -12.04 -1.63 -12.27
CA ARG A 26 -11.76 -0.67 -11.19
C ARG A 26 -10.27 -0.35 -11.02
N GLY A 27 -9.40 -1.13 -11.66
CA GLY A 27 -7.96 -1.00 -11.49
C GLY A 27 -7.41 -1.92 -10.42
N GLU A 28 -8.23 -2.77 -9.83
CA GLU A 28 -7.77 -3.68 -8.80
C GLU A 28 -7.01 -4.84 -9.42
N PHE A 29 -5.99 -5.30 -8.71
CA PHE A 29 -5.20 -6.42 -9.15
C PHE A 29 -4.68 -7.21 -7.97
N THR A 30 -4.45 -8.49 -8.22
CA THR A 30 -3.77 -9.34 -7.28
C THR A 30 -2.57 -9.99 -7.96
N GLY A 31 -1.77 -10.67 -7.16
CA GLY A 31 -0.58 -11.31 -7.69
C GLY A 31 0.25 -11.90 -6.59
N THR A 32 1.50 -12.21 -6.92
CA THR A 32 2.45 -12.76 -5.97
C THR A 32 3.78 -12.04 -6.06
N TYR A 33 4.52 -12.11 -4.98
CA TYR A 33 5.77 -11.40 -4.82
C TYR A 33 6.76 -12.36 -4.21
N LEU A 34 7.87 -12.56 -4.91
CA LEU A 34 8.99 -13.36 -4.41
C LEU A 34 10.15 -12.41 -4.15
N THR A 35 10.32 -12.04 -2.89
CA THR A 35 11.41 -11.14 -2.54
C THR A 35 12.75 -11.86 -2.57
N ALA A 36 13.77 -11.16 -3.08
CA ALA A 36 15.13 -11.70 -3.11
C ALA A 36 15.81 -11.55 -1.74
N VAL A 37 15.31 -10.64 -0.92
CA VAL A 37 15.90 -10.30 0.37
C VAL A 37 14.85 -10.29 1.48
N ALA A 38 15.29 -10.54 2.70
CA ALA A 38 14.44 -10.46 3.86
C ALA A 38 15.31 -10.34 5.09
N ASP A 39 14.71 -9.99 6.22
CA ASP A 39 15.46 -9.98 7.47
C ASP A 39 16.03 -11.37 7.77
N ASN A 40 15.24 -12.40 7.46
CA ASN A 40 15.65 -13.80 7.59
C ASN A 40 15.40 -14.51 6.26
N PRO A 41 16.34 -14.44 5.35
CA PRO A 41 16.10 -14.94 3.99
C PRO A 41 15.85 -16.45 3.91
N GLY A 42 16.30 -17.20 4.91
CA GLY A 42 16.04 -18.64 4.96
C GLY A 42 14.56 -18.95 5.10
N ASN A 43 13.75 -17.97 5.50
CA ASN A 43 12.33 -18.16 5.67
C ASN A 43 11.48 -17.71 4.49
N ILE A 44 12.08 -17.11 3.45
CA ILE A 44 11.28 -16.52 2.37
C ILE A 44 10.39 -17.54 1.68
N THR A 45 9.13 -17.18 1.51
CA THR A 45 8.18 -17.91 0.69
C THR A 45 7.41 -16.91 -0.17
N LEU A 46 6.90 -17.43 -1.27
CA LEU A 46 6.06 -16.64 -2.17
C LEU A 46 4.91 -16.05 -1.39
N SER A 47 4.63 -14.78 -1.60
CA SER A 47 3.65 -14.04 -0.80
C SER A 47 2.65 -13.28 -1.68
N PRO A 48 1.40 -13.16 -1.22
CA PRO A 48 0.38 -12.48 -2.01
C PRO A 48 0.43 -10.95 -1.93
N LEU A 49 0.00 -10.34 -3.01
CA LEU A 49 -0.13 -8.88 -3.08
C LEU A 49 -1.52 -8.53 -3.60
N LEU A 50 -1.97 -7.32 -3.25
CA LEU A 50 -3.26 -6.80 -3.64
C LEU A 50 -3.15 -5.31 -3.77
N GLY A 51 -3.61 -4.74 -4.88
CA GLY A 51 -3.51 -3.30 -5.07
C GLY A 51 -4.49 -2.72 -6.05
N ILE A 52 -4.33 -1.43 -6.30
CA ILE A 52 -5.16 -0.72 -7.25
C ILE A 52 -4.29 0.23 -8.07
N GLN A 53 -4.51 0.22 -9.39
CA GLN A 53 -3.95 1.22 -10.28
C GLN A 53 -5.05 2.08 -10.85
N HIS A 54 -4.67 3.24 -11.36
CA HIS A 54 -5.58 4.04 -12.16
C HIS A 54 -5.70 3.43 -13.56
N LYS A 55 -6.88 3.61 -14.15
CA LYS A 55 -7.29 2.92 -15.37
C LYS A 55 -7.19 3.76 -16.62
N ARG A 56 -7.59 5.01 -16.52
CA ARG A 56 -7.70 5.87 -17.70
C ARG A 56 -6.33 6.36 -18.17
N ALA A 57 -5.45 6.66 -17.22
CA ALA A 57 -4.15 7.25 -17.53
C ALA A 57 -3.25 6.29 -18.30
N SER A 58 -2.52 6.83 -19.27
CA SER A 58 -1.55 6.02 -19.99
C SER A 58 -0.35 5.65 -19.13
N GLN A 59 -0.02 6.50 -18.16
CA GLN A 59 1.08 6.26 -17.22
C GLN A 59 0.53 6.33 -15.80
N PRO A 60 -0.20 5.30 -15.40
CA PRO A 60 -0.96 5.35 -14.15
C PRO A 60 -0.10 5.31 -12.90
N THR A 61 -0.57 5.98 -11.85
CA THR A 61 -0.07 5.72 -10.50
C THR A 61 -0.82 4.50 -9.96
N PHE A 62 -0.24 3.89 -8.93
CA PHE A 62 -0.78 2.68 -8.33
C PHE A 62 -0.23 2.50 -6.94
N GLY A 63 -0.82 1.58 -6.22
CA GLY A 63 -0.29 1.10 -4.96
C GLY A 63 -0.62 -0.36 -4.77
N PHE A 64 0.16 -1.06 -3.96
CA PHE A 64 -0.18 -2.40 -3.55
C PHE A 64 0.42 -2.74 -2.21
N THR A 65 -0.19 -3.72 -1.55
CA THR A 65 0.24 -4.27 -0.30
C THR A 65 0.71 -5.70 -0.49
N VAL A 66 1.85 -6.02 0.11
CA VAL A 66 2.34 -7.40 0.18
C VAL A 66 2.21 -7.90 1.61
N HIS A 67 1.41 -8.96 1.76
CA HIS A 67 1.29 -9.66 3.04
C HIS A 67 2.33 -10.79 3.02
N TRP A 68 3.45 -10.59 3.71
CA TRP A 68 4.49 -11.61 3.73
C TRP A 68 3.96 -12.84 4.45
N ASN A 69 4.11 -14.01 3.83
CA ASN A 69 3.55 -15.25 4.39
C ASN A 69 4.49 -15.91 5.38
N PHE A 70 5.65 -15.29 5.60
CA PHE A 70 6.70 -15.86 6.45
C PHE A 70 7.18 -14.89 7.52
N SER A 71 6.49 -13.75 7.65
CA SER A 71 6.86 -12.68 8.57
C SER A 71 5.59 -12.05 9.08
N GLU A 72 5.67 -11.40 10.22
CA GLU A 72 4.56 -10.58 10.72
C GLU A 72 4.52 -9.18 10.12
N SER A 73 5.50 -8.85 9.27
CA SER A 73 5.59 -7.54 8.63
C SER A 73 4.70 -7.44 7.40
N THR A 74 4.51 -6.22 6.94
CA THR A 74 3.76 -5.91 5.73
C THR A 74 4.53 -4.83 4.98
N THR A 75 4.57 -4.90 3.65
CA THR A 75 5.11 -3.80 2.85
C THR A 75 4.04 -3.22 1.96
N VAL A 76 4.04 -1.90 1.80
CA VAL A 76 3.26 -1.24 0.77
C VAL A 76 4.20 -0.54 -0.20
N PHE A 77 3.83 -0.60 -1.47
CA PHE A 77 4.56 0.04 -2.56
C PHE A 77 3.62 1.02 -3.24
N THR A 78 4.12 2.18 -3.65
CA THR A 78 3.36 3.06 -4.53
C THR A 78 4.28 3.66 -5.57
N GLY A 79 3.75 3.95 -6.74
CA GLY A 79 4.58 4.46 -7.81
C GLY A 79 3.80 4.75 -9.06
N GLN A 80 4.53 4.87 -10.15
CA GLN A 80 3.95 5.18 -11.45
C GLN A 80 4.59 4.30 -12.49
N CYS A 81 3.79 3.88 -13.47
CA CYS A 81 4.26 3.14 -14.63
C CYS A 81 4.53 4.13 -15.75
N PHE A 82 5.77 4.23 -16.18
CA PHE A 82 6.18 5.09 -17.29
C PHE A 82 6.44 4.26 -18.53
N ILE A 83 6.04 4.81 -19.67
CA ILE A 83 6.34 4.24 -20.98
C ILE A 83 7.27 5.20 -21.70
N ASP A 84 8.43 4.72 -22.11
CA ASP A 84 9.37 5.60 -22.80
C ASP A 84 9.10 5.66 -24.31
N ARG A 85 9.91 6.42 -25.03
CA ARG A 85 9.71 6.63 -26.46
C ARG A 85 9.81 5.36 -27.30
N ASN A 86 10.44 4.33 -26.76
CA ASN A 86 10.54 3.04 -27.43
C ASN A 86 9.50 2.02 -26.97
N GLY A 87 8.60 2.44 -26.08
CA GLY A 87 7.57 1.56 -25.55
C GLY A 87 8.00 0.70 -24.38
N LYS A 88 9.18 0.94 -23.83
CA LYS A 88 9.64 0.20 -22.66
C LYS A 88 8.99 0.75 -21.41
N GLU A 89 8.54 -0.17 -20.54
CA GLU A 89 7.84 0.20 -19.32
C GLU A 89 8.74 0.06 -18.09
N VAL A 90 8.67 1.05 -17.20
CA VAL A 90 9.37 0.99 -15.92
C VAL A 90 8.38 1.36 -14.83
N LEU A 91 8.38 0.60 -13.74
CA LEU A 91 7.69 1.02 -12.54
C LEU A 91 8.68 1.69 -11.62
N LYS A 92 8.46 2.97 -11.33
CA LYS A 92 9.23 3.68 -10.32
C LYS A 92 8.42 3.66 -9.04
N THR A 93 8.96 3.06 -7.98
CA THR A 93 8.24 2.93 -6.72
C THR A 93 9.04 3.37 -5.52
N MET A 94 8.29 3.73 -4.49
CA MET A 94 8.79 3.86 -3.13
C MET A 94 7.96 2.94 -2.25
N TRP A 95 8.54 2.50 -1.14
CA TRP A 95 7.86 1.57 -0.27
C TRP A 95 8.06 1.91 1.20
N LEU A 96 7.11 1.43 2.01
CA LEU A 96 7.19 1.41 3.46
C LEU A 96 7.02 -0.02 3.92
N LEU A 97 7.88 -0.46 4.81
CA LEU A 97 7.81 -1.80 5.40
C LEU A 97 7.55 -1.64 6.89
N ARG A 98 6.38 -2.12 7.31
CA ARG A 98 5.99 -2.09 8.70
C ARG A 98 6.34 -3.40 9.37
N SER A 99 7.19 -3.31 10.37
N SER A 99 7.22 -3.33 10.36
CA SER A 99 7.50 -4.42 11.26
CA SER A 99 7.50 -4.47 11.22
C SER A 99 6.49 -4.49 12.39
C SER A 99 6.52 -4.50 12.39
N SER A 100 6.31 -5.69 12.93
CA SER A 100 5.50 -5.90 14.11
C SER A 100 6.34 -5.66 15.35
N VAL A 101 5.91 -4.73 16.20
CA VAL A 101 6.56 -4.53 17.48
C VAL A 101 5.61 -4.92 18.62
N ASN A 102 6.16 -5.06 19.82
N ASN A 102 6.17 -5.05 19.82
CA ASN A 102 5.45 -5.65 20.94
CA ASN A 102 5.47 -5.64 20.96
C ASN A 102 4.34 -4.79 21.51
C ASN A 102 4.32 -4.79 21.48
N ASP A 103 4.55 -3.48 21.51
CA ASP A 103 3.57 -2.53 22.01
C ASP A 103 3.90 -1.15 21.48
N ILE A 104 3.03 -0.18 21.78
CA ILE A 104 3.09 1.13 21.14
C ILE A 104 4.33 1.93 21.49
N SER A 105 4.99 1.61 22.59
CA SER A 105 6.21 2.30 23.00
C SER A 105 7.36 2.06 22.02
N TYR A 106 7.25 1.01 21.21
CA TYR A 106 8.25 0.69 20.19
C TYR A 106 7.83 1.14 18.79
N ASP A 107 6.67 1.75 18.67
CA ASP A 107 6.11 2.13 17.35
C ASP A 107 7.09 2.97 16.53
N TRP A 108 7.84 3.86 17.19
CA TRP A 108 8.75 4.76 16.52
C TRP A 108 9.77 4.06 15.63
N LYS A 109 10.18 2.84 15.97
CA LYS A 109 11.22 2.14 15.21
C LYS A 109 10.70 1.09 14.24
N ALA A 110 9.39 1.13 13.96
CA ALA A 110 8.74 0.04 13.24
C ALA A 110 8.62 0.18 11.73
N THR A 111 8.99 1.32 11.14
CA THR A 111 8.73 1.55 9.71
C THR A 111 9.99 1.87 8.91
N LEU A 112 10.36 0.95 8.02
CA LEU A 112 11.46 1.18 7.08
C LEU A 112 10.93 1.81 5.81
N VAL A 113 11.79 2.55 5.12
CA VAL A 113 11.45 3.17 3.85
C VAL A 113 12.52 2.84 2.81
N GLY A 114 12.11 2.76 1.55
CA GLY A 114 13.04 2.54 0.48
C GLY A 114 12.43 2.75 -0.88
N TYR A 115 13.15 2.36 -1.91
CA TYR A 115 12.71 2.49 -3.29
C TYR A 115 12.84 1.17 -4.03
N ASN A 116 12.19 1.06 -5.18
CA ASN A 116 12.48 -0.02 -6.10
C ASN A 116 12.10 0.40 -7.50
N ASN A 117 12.92 0.01 -8.47
CA ASN A 117 12.61 0.19 -9.87
C ASN A 117 12.38 -1.18 -10.47
N PHE A 118 11.27 -1.35 -11.18
CA PHE A 118 10.89 -2.62 -11.79
C PHE A 118 10.85 -2.50 -13.31
N THR A 119 11.33 -3.54 -13.99
CA THR A 119 11.15 -3.69 -15.43
C THR A 119 10.58 -5.08 -15.71
N ARG A 120 10.06 -5.26 -16.92
CA ARG A 120 9.37 -6.49 -17.26
C ARG A 120 10.33 -7.67 -17.43
N LEU A 121 9.88 -8.82 -16.96
CA LEU A 121 10.52 -10.08 -17.28
C LEU A 121 9.92 -10.47 -18.61
N SER A 122 10.77 -10.48 -19.64
CA SER A 122 10.42 -10.49 -21.07
C SER A 122 10.24 -9.06 -21.58
N CYS B 4 -8.32 -6.93 17.03
CA CYS B 4 -7.85 -5.78 16.15
C CYS B 4 -8.21 -6.05 14.69
N SER B 5 -9.50 -6.26 14.45
CA SER B 5 -9.99 -6.38 13.08
C SER B 5 -10.15 -4.97 12.55
N LEU B 6 -9.69 -4.73 11.33
CA LEU B 6 -9.79 -3.40 10.75
C LEU B 6 -11.24 -3.07 10.37
N THR B 7 -12.11 -4.08 10.30
CA THR B 7 -13.54 -3.84 10.06
C THR B 7 -14.09 -2.77 10.99
N GLY B 8 -14.83 -1.82 10.42
CA GLY B 8 -15.49 -0.78 11.19
C GLY B 8 -15.23 0.63 10.68
N LYS B 9 -15.42 1.61 11.54
CA LYS B 9 -15.40 3.01 11.16
C LYS B 9 -14.32 3.71 11.98
N TRP B 10 -13.50 4.50 11.30
CA TRP B 10 -12.30 5.08 11.88
C TRP B 10 -12.19 6.55 11.49
N THR B 11 -11.53 7.33 12.35
CA THR B 11 -11.14 8.69 12.01
C THR B 11 -9.67 8.89 12.36
N ASN B 12 -9.01 9.83 11.68
CA ASN B 12 -7.62 10.11 11.96
C ASN B 12 -7.40 11.54 12.44
N ASN B 13 -6.15 11.85 12.73
CA ASN B 13 -5.77 13.13 13.30
C ASN B 13 -5.99 14.33 12.37
N LEU B 14 -6.20 14.10 11.08
CA LEU B 14 -6.51 15.17 10.13
C LEU B 14 -8.02 15.36 9.96
N GLY B 15 -8.81 14.50 10.57
CA GLY B 15 -10.26 14.56 10.45
C GLY B 15 -10.84 13.67 9.36
N SER B 16 -9.99 12.89 8.69
CA SER B 16 -10.48 11.99 7.66
C SER B 16 -11.20 10.84 8.31
N ILE B 17 -12.10 10.22 7.56
CA ILE B 17 -12.76 9.02 8.05
C ILE B 17 -12.66 7.89 7.01
N MET B 18 -12.67 6.66 7.50
CA MET B 18 -12.74 5.52 6.62
C MET B 18 -13.62 4.46 7.22
N THR B 19 -14.29 3.73 6.35
CA THR B 19 -15.09 2.58 6.73
C THR B 19 -14.49 1.36 6.04
N ILE B 20 -14.38 0.28 6.79
CA ILE B 20 -13.76 -0.95 6.30
C ILE B 20 -14.77 -2.07 6.51
N ARG B 21 -14.93 -2.88 5.48
CA ARG B 21 -15.85 -4.00 5.50
C ARG B 21 -15.21 -5.24 6.14
N ALA B 22 -15.88 -6.38 6.04
CA ALA B 22 -15.43 -7.61 6.68
C ALA B 22 -14.08 -8.04 6.14
N VAL B 23 -13.20 -8.44 7.04
CA VAL B 23 -11.90 -8.94 6.67
C VAL B 23 -12.06 -10.43 6.40
N ASN B 24 -11.64 -10.89 5.22
CA ASN B 24 -11.81 -12.30 4.86
C ASN B 24 -10.72 -13.19 5.48
N SER B 25 -10.74 -14.48 5.19
CA SER B 25 -9.85 -15.44 5.86
C SER B 25 -8.38 -15.23 5.51
N ARG B 26 -8.12 -14.59 4.37
CA ARG B 26 -6.76 -14.25 3.96
C ARG B 26 -6.32 -12.88 4.49
N GLY B 27 -7.18 -12.21 5.25
CA GLY B 27 -6.88 -10.90 5.78
C GLY B 27 -7.16 -9.73 4.85
N GLU B 28 -7.82 -9.99 3.72
CA GLU B 28 -8.09 -8.96 2.72
C GLU B 28 -9.34 -8.18 3.07
N PHE B 29 -9.32 -6.89 2.79
CA PHE B 29 -10.47 -6.03 3.08
C PHE B 29 -10.61 -4.94 2.05
N THR B 30 -11.85 -4.49 1.88
CA THR B 30 -12.19 -3.32 1.10
C THR B 30 -12.79 -2.26 2.02
N GLY B 31 -12.92 -1.05 1.51
CA GLY B 31 -13.56 0.00 2.25
C GLY B 31 -13.64 1.28 1.47
N THR B 32 -13.99 2.36 2.17
CA THR B 32 -14.21 3.65 1.56
C THR B 32 -13.56 4.72 2.42
N TYR B 33 -12.85 5.63 1.78
CA TYR B 33 -12.05 6.64 2.46
C TYR B 33 -12.59 8.02 2.10
N LEU B 34 -12.85 8.84 3.12
CA LEU B 34 -13.19 10.25 2.94
C LEU B 34 -12.07 11.10 3.53
N THR B 35 -11.21 11.64 2.69
CA THR B 35 -10.17 12.50 3.20
C THR B 35 -10.74 13.88 3.56
N ALA B 36 -10.24 14.45 4.66
CA ALA B 36 -10.62 15.79 5.09
C ALA B 36 -9.81 16.84 4.38
N VAL B 37 -8.71 16.42 3.75
CA VAL B 37 -7.76 17.32 3.08
C VAL B 37 -7.37 16.80 1.71
N ALA B 38 -7.03 17.71 0.81
CA ALA B 38 -6.53 17.34 -0.50
C ALA B 38 -5.80 18.53 -1.10
N ASP B 39 -5.07 18.28 -2.17
CA ASP B 39 -4.44 19.38 -2.89
C ASP B 39 -5.50 20.38 -3.34
N ASN B 40 -6.64 19.86 -3.80
CA ASN B 40 -7.78 20.67 -4.20
C ASN B 40 -9.02 20.17 -3.45
N PRO B 41 -9.25 20.67 -2.23
CA PRO B 41 -10.28 20.08 -1.36
C PRO B 41 -11.71 20.18 -1.91
N GLY B 42 -11.96 21.17 -2.77
CA GLY B 42 -13.26 21.30 -3.41
C GLY B 42 -13.61 20.10 -4.29
N ASN B 43 -12.60 19.34 -4.73
CA ASN B 43 -12.82 18.16 -5.57
C ASN B 43 -13.06 16.83 -4.83
N ILE B 44 -12.95 16.83 -3.51
CA ILE B 44 -12.94 15.56 -2.77
C ILE B 44 -14.22 14.74 -2.98
N THR B 45 -14.04 13.48 -3.34
CA THR B 45 -15.11 12.49 -3.37
C THR B 45 -14.66 11.23 -2.64
N LEU B 46 -15.62 10.40 -2.28
CA LEU B 46 -15.33 9.14 -1.60
C LEU B 46 -14.48 8.26 -2.50
N SER B 47 -13.50 7.59 -1.92
CA SER B 47 -12.53 6.82 -2.70
C SER B 47 -12.35 5.43 -2.12
N PRO B 48 -12.30 4.41 -2.98
CA PRO B 48 -12.17 3.03 -2.50
C PRO B 48 -10.77 2.72 -1.98
N LEU B 49 -10.74 1.82 -1.00
CA LEU B 49 -9.48 1.29 -0.49
C LEU B 49 -9.51 -0.24 -0.54
N LEU B 50 -8.33 -0.84 -0.62
CA LEU B 50 -8.17 -2.28 -0.72
C LEU B 50 -6.85 -2.63 -0.03
N GLY B 51 -6.88 -3.59 0.89
CA GLY B 51 -5.68 -3.93 1.63
C GLY B 51 -5.67 -5.33 2.20
N ILE B 52 -4.61 -5.61 2.96
CA ILE B 52 -4.45 -6.87 3.64
C ILE B 52 -3.88 -6.64 5.03
N GLN B 53 -4.46 -7.31 6.01
CA GLN B 53 -3.92 -7.38 7.37
C GLN B 53 -3.49 -8.80 7.69
N HIS B 54 -2.60 -8.94 8.64
CA HIS B 54 -2.33 -10.22 9.24
C HIS B 54 -3.49 -10.64 10.17
N LYS B 55 -3.74 -11.95 10.25
CA LYS B 55 -4.94 -12.53 10.86
C LYS B 55 -4.72 -13.06 12.26
N ARG B 56 -3.61 -13.76 12.46
CA ARG B 56 -3.34 -14.46 13.72
C ARG B 56 -2.95 -13.52 14.85
N ALA B 57 -2.16 -12.49 14.52
CA ALA B 57 -1.60 -11.59 15.52
C ALA B 57 -2.70 -10.81 16.22
N SER B 58 -2.56 -10.66 17.54
CA SER B 58 -3.48 -9.83 18.31
C SER B 58 -3.37 -8.35 17.95
N GLN B 59 -2.15 -7.92 17.57
CA GLN B 59 -1.86 -6.53 17.19
C GLN B 59 -1.24 -6.57 15.80
N PRO B 60 -2.06 -6.82 14.79
CA PRO B 60 -1.56 -7.08 13.44
C PRO B 60 -1.00 -5.86 12.73
N THR B 61 -0.02 -6.10 11.87
CA THR B 61 0.36 -5.13 10.85
C THR B 61 -0.58 -5.28 9.64
N PHE B 62 -0.63 -4.24 8.83
CA PHE B 62 -1.51 -4.21 7.68
C PHE B 62 -1.01 -3.17 6.69
N GLY B 63 -1.57 -3.23 5.49
CA GLY B 63 -1.40 -2.18 4.51
C GLY B 63 -2.66 -2.02 3.69
N PHE B 64 -2.85 -0.83 3.14
CA PHE B 64 -3.92 -0.65 2.16
C PHE B 64 -3.59 0.47 1.19
N THR B 65 -4.22 0.40 0.03
CA THR B 65 -4.11 1.37 -1.04
C THR B 65 -5.43 2.11 -1.16
N VAL B 66 -5.37 3.44 -1.29
CA VAL B 66 -6.52 4.29 -1.62
C VAL B 66 -6.34 4.82 -3.04
N HIS B 67 -7.28 4.43 -3.91
CA HIS B 67 -7.38 4.96 -5.26
C HIS B 67 -8.27 6.20 -5.21
N TRP B 68 -7.67 7.38 -5.22
CA TRP B 68 -8.44 8.61 -5.16
C TRP B 68 -9.30 8.72 -6.42
N ASN B 69 -10.60 8.97 -6.21
CA ASN B 69 -11.55 9.01 -7.33
C ASN B 69 -11.67 10.40 -7.93
N PHE B 70 -10.90 11.37 -7.42
CA PHE B 70 -10.95 12.76 -7.88
C PHE B 70 -9.56 13.29 -8.25
N SER B 71 -8.55 12.42 -8.24
CA SER B 71 -7.15 12.78 -8.48
C SER B 71 -6.50 11.62 -9.22
N GLU B 72 -5.39 11.91 -9.92
CA GLU B 72 -4.58 10.89 -10.52
C GLU B 72 -3.59 10.25 -9.54
N SER B 73 -3.57 10.77 -8.31
CA SER B 73 -2.68 10.26 -7.27
C SER B 73 -3.21 9.00 -6.61
N THR B 74 -2.35 8.35 -5.85
CA THR B 74 -2.66 7.16 -5.06
C THR B 74 -1.95 7.28 -3.72
N THR B 75 -2.57 6.84 -2.63
CA THR B 75 -1.88 6.76 -1.34
C THR B 75 -1.85 5.33 -0.86
N VAL B 76 -0.74 4.94 -0.26
CA VAL B 76 -0.65 3.70 0.50
C VAL B 76 -0.38 4.02 1.95
N PHE B 77 -1.04 3.26 2.82
CA PHE B 77 -0.88 3.33 4.27
C PHE B 77 -0.38 1.97 4.77
N THR B 78 0.54 1.96 5.72
CA THR B 78 0.89 0.75 6.45
C THR B 78 1.03 1.07 7.93
N GLY B 79 0.78 0.08 8.77
CA GLY B 79 0.86 0.32 10.17
C GLY B 79 0.49 -0.89 10.99
N GLN B 80 0.25 -0.66 12.27
CA GLN B 80 -0.05 -1.73 13.21
C GLN B 80 -1.21 -1.27 14.07
N CYS B 81 -2.08 -2.21 14.38
CA CYS B 81 -3.16 -1.96 15.30
C CYS B 81 -2.74 -2.37 16.71
N PHE B 82 -2.81 -1.43 17.65
CA PHE B 82 -2.46 -1.66 19.05
C PHE B 82 -3.71 -1.60 19.91
N ILE B 83 -3.71 -2.40 20.98
CA ILE B 83 -4.75 -2.41 22.02
C ILE B 83 -4.12 -2.06 23.36
N ASP B 84 -4.63 -1.02 24.01
CA ASP B 84 -4.13 -0.64 25.34
C ASP B 84 -4.81 -1.44 26.46
N ARG B 85 -4.48 -1.13 27.70
CA ARG B 85 -4.99 -1.88 28.86
C ARG B 85 -6.52 -1.80 29.03
N ASN B 86 -7.12 -0.72 28.51
CA ASN B 86 -8.58 -0.54 28.57
C ASN B 86 -9.34 -1.10 27.36
N GLY B 87 -8.62 -1.72 26.43
CA GLY B 87 -9.21 -2.32 25.25
C GLY B 87 -9.36 -1.36 24.08
N LYS B 88 -8.85 -0.14 24.23
CA LYS B 88 -8.91 0.87 23.17
C LYS B 88 -7.90 0.61 22.06
N GLU B 89 -8.40 0.64 20.82
CA GLU B 89 -7.57 0.43 19.64
C GLU B 89 -7.06 1.72 19.02
N VAL B 90 -5.83 1.67 18.52
CA VAL B 90 -5.28 2.76 17.72
C VAL B 90 -4.57 2.15 16.53
N LEU B 91 -4.80 2.70 15.34
CA LEU B 91 -3.97 2.34 14.19
C LEU B 91 -2.85 3.37 14.07
N LYS B 92 -1.62 2.93 14.24
CA LYS B 92 -0.46 3.79 14.03
C LYS B 92 0.03 3.53 12.62
N THR B 93 -0.02 4.54 11.76
CA THR B 93 0.34 4.38 10.35
C THR B 93 1.30 5.42 9.83
N MET B 94 2.00 5.03 8.77
CA MET B 94 2.76 5.92 7.92
C MET B 94 2.20 5.73 6.51
N TRP B 95 2.34 6.77 5.69
CA TRP B 95 1.83 6.74 4.34
C TRP B 95 2.78 7.34 3.33
N LEU B 96 2.61 6.90 2.07
CA LEU B 96 3.24 7.51 0.91
C LEU B 96 2.13 7.89 -0.06
N LEU B 97 2.21 9.11 -0.59
CA LEU B 97 1.25 9.63 -1.55
C LEU B 97 1.99 9.89 -2.85
N ARG B 98 1.64 9.10 -3.86
CA ARG B 98 2.24 9.21 -5.18
C ARG B 98 1.42 10.11 -6.07
N SER B 99 2.02 11.19 -6.54
CA SER B 99 1.43 12.03 -7.56
C SER B 99 1.80 11.55 -8.95
N SER B 100 0.97 11.89 -9.91
CA SER B 100 1.23 11.64 -11.31
C SER B 100 2.11 12.75 -11.87
N VAL B 101 3.26 12.38 -12.41
CA VAL B 101 4.11 13.31 -13.14
C VAL B 101 4.23 12.93 -14.61
N ASN B 102 4.72 13.85 -15.42
CA ASN B 102 4.63 13.72 -16.88
C ASN B 102 5.54 12.67 -17.45
N ASP B 103 6.73 12.54 -16.89
CA ASP B 103 7.67 11.55 -17.37
C ASP B 103 8.67 11.25 -16.26
N ILE B 104 9.53 10.28 -16.51
CA ILE B 104 10.42 9.74 -15.50
C ILE B 104 11.41 10.78 -14.96
N SER B 105 11.69 11.83 -15.73
CA SER B 105 12.61 12.87 -15.27
C SER B 105 12.03 13.73 -14.15
N TYR B 106 10.72 13.63 -13.91
CA TYR B 106 10.09 14.32 -12.79
C TYR B 106 9.83 13.40 -11.60
N ASP B 107 10.26 12.15 -11.69
CA ASP B 107 9.91 11.15 -10.69
C ASP B 107 10.37 11.56 -9.31
N TRP B 108 11.51 12.24 -9.22
CA TRP B 108 12.11 12.62 -7.95
C TRP B 108 11.16 13.42 -7.04
N LYS B 109 10.24 14.18 -7.61
CA LYS B 109 9.36 15.04 -6.82
C LYS B 109 7.95 14.48 -6.62
N ALA B 110 7.74 13.21 -6.93
CA ALA B 110 6.40 12.64 -7.01
C ALA B 110 5.87 11.98 -5.76
N THR B 111 6.65 11.81 -4.69
CA THR B 111 6.21 11.03 -3.54
C THR B 111 6.28 11.81 -2.24
N LEU B 112 5.11 12.08 -1.67
CA LEU B 112 4.96 12.66 -0.34
C LEU B 112 4.93 11.57 0.72
N VAL B 113 5.37 11.91 1.93
CA VAL B 113 5.33 10.98 3.05
C VAL B 113 4.69 11.68 4.24
N GLY B 114 4.08 10.88 5.10
CA GLY B 114 3.50 11.41 6.32
C GLY B 114 3.05 10.30 7.23
N TYR B 115 2.35 10.68 8.29
CA TYR B 115 1.83 9.75 9.30
C TYR B 115 0.34 9.96 9.48
N ASN B 116 -0.31 8.99 10.10
CA ASN B 116 -1.66 9.19 10.61
C ASN B 116 -1.93 8.21 11.73
N ASN B 117 -2.60 8.70 12.76
CA ASN B 117 -3.09 7.88 13.85
C ASN B 117 -4.60 7.82 13.73
N PHE B 118 -5.15 6.61 13.70
CA PHE B 118 -6.59 6.40 13.59
C PHE B 118 -7.16 5.83 14.87
N THR B 119 -8.35 6.28 15.25
CA THR B 119 -9.12 5.69 16.35
C THR B 119 -10.53 5.37 15.84
N ARG B 120 -11.22 4.50 16.55
CA ARG B 120 -12.54 4.07 16.15
C ARG B 120 -13.56 5.17 16.41
N LEU B 121 -14.51 5.32 15.49
CA LEU B 121 -15.61 6.27 15.65
C LEU B 121 -16.63 5.68 16.62
N SER B 122 -16.75 6.30 17.81
CA SER B 122 -17.61 5.81 18.89
C SER B 122 -17.42 4.31 19.16
C1 BNI C . 10.87 -8.84 5.76
C10 BNI C . 9.86 -9.38 4.76
C9 BNI C . 10.33 -9.21 3.32
C8 BNI C . 10.57 -7.74 2.99
C7 BNI C . 11.25 -7.58 1.64
C2 BNI C . 11.45 -6.07 1.29
C6 BNI C . 10.92 -3.80 0.27
C4 BNI C . 12.45 -5.77 0.12
C5 BNI C . 12.15 -4.37 -0.44
C3 BNI C . 11.99 -5.93 -2.14
O2 BNI C . 12.05 -9.12 5.62
O3 BNI C . 11.84 -6.41 -3.28
N1 BNI C . 11.91 -4.63 -1.82
N2 BNI C . 12.29 -6.63 -1.05
S1 BNI C . 9.90 -5.24 0.73
N17 BNI C . 10.49 -7.98 6.70
C18 BNI C . 11.25 -7.32 7.61
C20 BNI C . 10.95 -7.24 8.99
C21 BNI C . 11.84 -6.52 9.87
C22 BNI C . 13.03 -5.89 9.31
C23 BNI C . 13.33 -5.97 7.92
C24 BNI C . 12.46 -6.67 7.07
N25 BNI C . 14.00 -5.13 10.19
O26 BNI C . 13.80 -5.02 11.37
O27 BNI C . 14.97 -4.63 9.71
C FMT D . 9.97 -4.75 20.14
O1 FMT D . 9.04 -5.37 19.65
O2 FMT D . 11.13 -4.93 19.76
C FMT E . 16.38 -16.46 -0.93
O1 FMT E . 16.24 -16.92 0.24
O2 FMT E . 16.26 -15.27 -1.35
C FMT F . 1.16 -17.20 -2.25
O1 FMT F . 1.08 -18.23 -2.93
O2 FMT F . 0.43 -16.23 -2.46
C FMT G . -9.26 5.96 -13.03
O1 FMT G . -9.06 6.20 -14.23
O2 FMT G . -8.55 5.15 -12.44
C1 BNI H . -4.61 14.34 -3.06
C10 BNI H . -5.61 13.19 -2.85
C9 BNI H . -6.04 13.07 -1.39
C8 BNI H . -4.83 12.79 -0.49
C7 BNI H . -5.19 12.85 0.97
C2 BNI H . -3.95 12.52 1.90
C6 BNI H . -2.44 11.06 3.32
C4 BNI H . -4.15 12.93 3.38
C5 BNI H . -3.17 12.07 4.21
C3 BNI H . -5.32 11.75 4.97
O2 BNI H . -4.85 15.43 -2.54
O3 BNI H . -6.25 11.30 5.65
N1 BNI H . -4.04 11.43 5.16
N2 BNI H . -5.45 12.55 3.93
S1 BNI H . -3.61 10.73 1.95
N17 BNI H . -3.46 14.12 -3.69
C18 BNI H . -2.40 14.98 -3.82
C20 BNI H . -1.71 15.17 -5.06
C21 BNI H . -0.61 16.10 -5.11
C22 BNI H . -0.22 16.83 -3.89
C23 BNI H . -0.92 16.63 -2.67
C24 BNI H . -1.99 15.72 -2.62
N25 BNI H . 0.92 17.81 -3.90
O26 BNI H . 1.55 18.03 -4.90
O27 BNI H . 1.21 18.41 -2.90
C FMT I . -2.04 -14.64 8.93
O1 FMT I . -1.75 -14.86 10.25
O2 FMT I . -1.72 -13.38 8.55
C FMT J . 13.29 8.80 -8.54
O1 FMT J . 13.34 9.78 -9.28
O2 FMT J . 12.99 8.91 -7.35
C FMT K . -2.51 12.08 17.08
O1 FMT K . -3.72 11.86 17.03
O2 FMT K . -1.87 12.43 16.08
C FMT L . -7.42 9.96 15.72
O1 FMT L . -8.45 10.52 16.12
O2 FMT L . -6.29 10.30 16.15
#